data_9B4U
#
_entry.id   9B4U
#
_cell.length_a   78.041
_cell.length_b   71.613
_cell.length_c   62.090
_cell.angle_alpha   90.00
_cell.angle_beta   90.00
_cell.angle_gamma   90.00
#
_symmetry.space_group_name_H-M   'P 21 21 2'
#
loop_
_entity.id
_entity.type
_entity.pdbx_description
1 polymer 'Phosphatidylinositol 4,5-bisphosphate 3-kinase catalytic subunit alpha isoform'
2 non-polymer 1-[(4R,8R)-2-[(4M,7P)-7-[2,4-difluoro-6-(2-methoxyethoxy)phenyl]-4-(1-methyl-1H-indazol-5-yl)thieno[3,2-c]pyridin-6-yl]-4-methyl-6,7-dihydropyrazolo[1,5-a]pyrazin-5(4H)-yl]propan-1-one
3 water water
#
_entity_poly.entity_id   1
_entity_poly.type   'polypeptide(L)'
_entity_poly.pdbx_seq_one_letter_code
;NSPHSRAMYVYPPNVESSPELPKHIYNKLDKGQIIVVIWVIVSPNNDKQKYTLKINHDCVPEQVIAEAIRKKTRSMLLSS
EQLKLCVLEYQGKYILKVCGCDEYFLEKYPLSQYKYIRSCIMLGRMPNLMLMAKESLYSQLPMD
;
_entity_poly.pdbx_strand_id   A,B
#
loop_
_chem_comp.id
_chem_comp.type
_chem_comp.name
_chem_comp.formula
A1AIR non-polymer 1-[(4R,8R)-2-[(4M,7P)-7-[2,4-difluoro-6-(2-methoxyethoxy)phenyl]-4-(1-methyl-1H-indazol-5-yl)thieno[3,2-c]pyridin-6-yl]-4-methyl-6,7-dihydropyrazolo[1,5-a]pyrazin-5(4H)-yl]propan-1-one 'C34 H32 F2 N6 O3 S'
#
# COMPACT_ATOMS: atom_id res chain seq x y z
N ASN A 1 -7.98 -31.48 23.02
CA ASN A 1 -8.11 -31.23 21.60
C ASN A 1 -6.87 -30.49 21.07
N SER A 2 -6.63 -30.61 19.76
CA SER A 2 -5.46 -29.98 19.18
C SER A 2 -5.64 -28.46 19.15
N PRO A 3 -4.54 -27.71 19.21
CA PRO A 3 -4.66 -26.24 19.16
C PRO A 3 -5.32 -25.73 17.90
N HIS A 4 -5.09 -26.37 16.75
CA HIS A 4 -5.77 -25.94 15.53
C HIS A 4 -7.27 -26.15 15.63
N SER A 5 -7.69 -27.26 16.24
CA SER A 5 -9.12 -27.50 16.42
C SER A 5 -9.74 -26.47 17.35
N ARG A 6 -9.02 -26.10 18.41
CA ARG A 6 -9.53 -25.09 19.33
C ARG A 6 -9.66 -23.73 18.65
N ALA A 7 -8.75 -23.41 17.74
CA ALA A 7 -8.82 -22.14 17.02
C ALA A 7 -10.03 -22.09 16.10
N MET A 8 -10.37 -23.20 15.45
CA MET A 8 -11.55 -23.24 14.59
C MET A 8 -12.83 -23.06 15.41
N TYR A 9 -12.89 -23.68 16.59
CA TYR A 9 -14.07 -23.52 17.43
C TYR A 9 -14.19 -22.09 17.95
N VAL A 10 -13.07 -21.48 18.32
CA VAL A 10 -13.11 -20.13 18.88
C VAL A 10 -13.34 -19.10 17.79
N TYR A 11 -12.72 -19.28 16.62
CA TYR A 11 -12.83 -18.34 15.50
C TYR A 11 -13.41 -19.07 14.29
N PRO A 12 -14.71 -19.35 14.28
CA PRO A 12 -15.31 -20.00 13.12
C PRO A 12 -15.40 -19.04 11.95
N PRO A 13 -15.15 -19.53 10.73
CA PRO A 13 -15.16 -18.63 9.57
C PRO A 13 -16.56 -18.11 9.27
N ASN A 14 -16.62 -16.83 8.89
CA ASN A 14 -17.84 -16.23 8.37
C ASN A 14 -17.80 -16.38 6.85
N VAL A 15 -18.45 -17.43 6.34
CA VAL A 15 -18.40 -17.78 4.93
C VAL A 15 -19.80 -17.69 4.34
N GLU A 16 -19.84 -17.55 3.01
CA GLU A 16 -21.10 -17.60 2.29
C GLU A 16 -21.49 -19.04 2.01
N SER A 17 -22.76 -19.24 1.63
CA SER A 17 -23.27 -20.60 1.45
C SER A 17 -22.64 -21.29 0.25
N SER A 18 -22.35 -20.56 -0.83
CA SER A 18 -21.82 -21.19 -2.03
C SER A 18 -20.44 -20.64 -2.38
N PRO A 19 -19.53 -21.50 -2.85
CA PRO A 19 -18.25 -20.99 -3.38
C PRO A 19 -18.38 -20.37 -4.75
N GLU A 20 -19.47 -20.64 -5.47
CA GLU A 20 -19.66 -20.07 -6.80
C GLU A 20 -19.94 -18.58 -6.69
N LEU A 21 -19.12 -17.79 -7.35
CA LEU A 21 -19.27 -16.34 -7.26
C LEU A 21 -20.38 -15.88 -8.21
N PRO A 22 -21.34 -15.10 -7.73
CA PRO A 22 -22.35 -14.54 -8.64
C PRO A 22 -21.72 -13.70 -9.73
N LYS A 23 -22.37 -13.66 -10.89
CA LYS A 23 -21.77 -13.04 -12.07
C LYS A 23 -21.56 -11.54 -11.86
N HIS A 24 -22.51 -10.87 -11.21
CA HIS A 24 -22.35 -9.43 -11.00
C HIS A 24 -21.22 -9.11 -10.03
N ILE A 25 -20.82 -10.06 -9.19
CA ILE A 25 -19.67 -9.90 -8.33
C ILE A 25 -18.38 -10.27 -9.03
N TYR A 26 -18.40 -11.41 -9.74
CA TYR A 26 -17.22 -11.83 -10.51
C TYR A 26 -16.81 -10.78 -11.53
N ASN A 27 -17.79 -10.10 -12.14
CA ASN A 27 -17.49 -9.10 -13.14
C ASN A 27 -16.81 -7.87 -12.55
N LYS A 28 -16.84 -7.69 -11.22
CA LYS A 28 -16.12 -6.60 -10.58
C LYS A 28 -14.63 -6.91 -10.42
N LEU A 29 -14.20 -8.11 -10.75
CA LEU A 29 -12.79 -8.47 -10.65
C LEU A 29 -12.10 -8.24 -12.00
N ASP A 30 -10.77 -8.27 -11.96
CA ASP A 30 -9.97 -8.16 -13.18
C ASP A 30 -9.70 -9.56 -13.69
N LYS A 31 -10.57 -10.05 -14.57
CA LYS A 31 -10.45 -11.39 -15.13
C LYS A 31 -10.35 -12.45 -14.04
N GLY A 32 -11.23 -12.34 -13.05
CA GLY A 32 -11.29 -13.28 -11.95
C GLY A 32 -10.22 -13.10 -10.89
N GLN A 33 -9.42 -12.04 -10.95
CA GLN A 33 -8.37 -11.80 -9.98
C GLN A 33 -8.70 -10.61 -9.10
N ILE A 34 -8.30 -10.70 -7.83
CA ILE A 34 -8.58 -9.68 -6.82
C ILE A 34 -7.26 -9.14 -6.32
N ILE A 35 -7.22 -7.83 -6.09
CA ILE A 35 -6.05 -7.16 -5.53
C ILE A 35 -6.25 -7.04 -4.04
N VAL A 36 -5.32 -7.58 -3.26
CA VAL A 36 -5.39 -7.57 -1.80
C VAL A 36 -4.13 -6.94 -1.26
N VAL A 37 -4.21 -6.50 -0.01
CA VAL A 37 -3.08 -5.95 0.72
C VAL A 37 -2.75 -6.91 1.86
N ILE A 38 -1.49 -7.31 1.94
CA ILE A 38 -1.02 -8.26 2.94
C ILE A 38 -0.01 -7.55 3.84
N TRP A 39 -0.38 -7.36 5.10
CA TRP A 39 0.53 -6.78 6.09
C TRP A 39 1.26 -7.88 6.84
N VAL A 40 2.38 -7.51 7.45
CA VAL A 40 3.15 -8.42 8.30
C VAL A 40 4.01 -7.58 9.23
N ILE A 41 4.31 -8.13 10.40
CA ILE A 41 5.19 -7.50 11.37
C ILE A 41 6.58 -8.07 11.19
N VAL A 42 7.55 -7.19 10.91
CA VAL A 42 8.90 -7.63 10.55
C VAL A 42 9.91 -7.37 11.67
N SER A 43 9.69 -6.37 12.51
CA SER A 43 10.63 -6.04 13.56
C SER A 43 9.98 -6.24 14.93
N PRO A 44 10.79 -6.49 15.97
CA PRO A 44 10.20 -6.60 17.32
C PRO A 44 9.52 -5.33 17.78
N ASN A 45 9.82 -4.18 17.16
CA ASN A 45 9.14 -2.93 17.44
C ASN A 45 7.77 -2.84 16.76
N ASN A 46 7.24 -3.98 16.30
CA ASN A 46 5.96 -4.05 15.61
C ASN A 46 5.91 -3.19 14.35
N ASP A 47 7.06 -2.95 13.73
CA ASP A 47 7.08 -2.27 12.44
C ASP A 47 6.49 -3.18 11.38
N LYS A 48 5.57 -2.65 10.58
CA LYS A 48 4.83 -3.42 9.60
C LYS A 48 5.29 -3.10 8.18
N GLN A 49 5.40 -4.15 7.36
CA GLN A 49 5.59 -4.03 5.92
C GLN A 49 4.41 -4.67 5.21
N LYS A 50 4.23 -4.33 3.95
CA LYS A 50 3.05 -4.75 3.21
C LYS A 50 3.41 -5.11 1.77
N TYR A 51 2.58 -5.96 1.19
CA TYR A 51 2.60 -6.30 -0.22
C TYR A 51 1.19 -6.10 -0.78
N THR A 52 1.12 -5.63 -2.02
CA THR A 52 -0.14 -5.54 -2.75
C THR A 52 -0.10 -6.60 -3.84
N LEU A 53 -0.93 -7.63 -3.69
CA LEU A 53 -0.93 -8.80 -4.56
C LEU A 53 -2.17 -8.82 -5.44
N LYS A 54 -2.05 -9.45 -6.61
CA LYS A 54 -3.18 -9.75 -7.48
C LYS A 54 -3.26 -11.26 -7.65
N ILE A 55 -4.28 -11.88 -7.05
CA ILE A 55 -4.41 -13.33 -6.99
C ILE A 55 -5.78 -13.75 -7.48
N ASN A 56 -5.89 -15.02 -7.85
CA ASN A 56 -7.19 -15.58 -8.21
C ASN A 56 -8.15 -15.46 -7.05
N HIS A 57 -9.42 -15.19 -7.36
CA HIS A 57 -10.40 -14.94 -6.31
C HIS A 57 -10.66 -16.18 -5.47
N ASP A 58 -10.46 -17.37 -6.02
CA ASP A 58 -10.72 -18.63 -5.34
C ASP A 58 -9.45 -19.24 -4.75
N CYS A 59 -8.40 -18.45 -4.56
CA CYS A 59 -7.23 -18.93 -3.84
C CYS A 59 -7.62 -19.28 -2.41
N VAL A 60 -7.09 -20.39 -1.91
CA VAL A 60 -7.30 -20.74 -0.51
C VAL A 60 -6.28 -19.94 0.30
N PRO A 61 -6.49 -19.75 1.60
CA PRO A 61 -5.55 -18.92 2.38
C PRO A 61 -4.10 -19.37 2.28
N GLU A 62 -3.83 -20.68 2.18
CA GLU A 62 -2.46 -21.13 2.05
C GLU A 62 -1.85 -20.75 0.71
N GLN A 63 -2.69 -20.58 -0.32
CA GLN A 63 -2.18 -20.12 -1.61
C GLN A 63 -1.86 -18.63 -1.58
N VAL A 64 -2.54 -17.86 -0.71
CA VAL A 64 -2.18 -16.46 -0.53
C VAL A 64 -0.78 -16.34 0.05
N ILE A 65 -0.47 -17.19 1.05
CA ILE A 65 0.86 -17.21 1.63
C ILE A 65 1.90 -17.59 0.59
N ALA A 66 1.58 -18.55 -0.27
CA ALA A 66 2.51 -18.97 -1.31
C ALA A 66 2.74 -17.85 -2.33
N GLU A 67 1.69 -17.13 -2.71
CA GLU A 67 1.84 -16.06 -3.69
C GLU A 67 2.69 -14.92 -3.14
N ALA A 68 2.56 -14.64 -1.84
CA ALA A 68 3.40 -13.60 -1.23
C ALA A 68 4.85 -14.04 -1.15
N ILE A 69 5.12 -15.34 -0.99
CA ILE A 69 6.49 -15.82 -0.99
C ILE A 69 7.11 -15.67 -2.37
N ARG A 70 6.34 -15.99 -3.43
CA ARG A 70 6.87 -15.82 -4.78
C ARG A 70 7.15 -14.35 -5.09
N LYS A 71 6.36 -13.45 -4.52
CA LYS A 71 6.58 -12.02 -4.70
C LYS A 71 7.94 -11.60 -4.14
N LYS A 72 8.29 -12.09 -2.95
CA LYS A 72 9.55 -11.66 -2.33
C LYS A 72 10.75 -12.31 -2.99
N THR A 73 10.67 -13.61 -3.29
CA THR A 73 11.76 -14.38 -3.86
C THR A 73 11.86 -14.26 -5.38
N ARG A 74 11.08 -13.36 -5.99
CA ARG A 74 11.03 -13.27 -7.45
C ARG A 74 12.41 -13.03 -8.09
N SER A 75 13.24 -12.19 -7.47
CA SER A 75 14.57 -11.92 -8.03
C SER A 75 15.65 -12.89 -7.57
N MET A 76 15.36 -13.79 -6.63
CA MET A 76 16.42 -14.53 -5.95
C MET A 76 16.91 -15.76 -6.70
N LEU A 77 16.38 -16.05 -7.89
CA LEU A 77 16.87 -17.13 -8.74
C LEU A 77 16.71 -18.50 -8.07
N LEU A 78 15.68 -18.66 -7.24
CA LEU A 78 15.47 -19.91 -6.54
C LEU A 78 14.97 -21.00 -7.48
N SER A 79 15.36 -22.24 -7.17
CA SER A 79 14.84 -23.39 -7.89
C SER A 79 13.43 -23.68 -7.39
N SER A 80 12.76 -24.66 -8.02
CA SER A 80 11.42 -25.03 -7.57
C SER A 80 11.47 -25.66 -6.19
N GLU A 81 12.48 -26.48 -5.93
CA GLU A 81 12.61 -27.12 -4.62
C GLU A 81 12.93 -26.10 -3.54
N GLN A 82 13.81 -25.13 -3.84
CA GLN A 82 14.11 -24.07 -2.87
C GLN A 82 12.86 -23.25 -2.55
N LEU A 83 12.08 -22.92 -3.58
CA LEU A 83 10.86 -22.15 -3.36
C LEU A 83 9.85 -22.95 -2.55
N LYS A 84 9.66 -24.22 -2.90
CA LYS A 84 8.70 -25.06 -2.19
C LYS A 84 9.05 -25.20 -0.72
N LEU A 85 10.35 -25.29 -0.39
CA LEU A 85 10.74 -25.44 1.01
C LEU A 85 10.33 -24.22 1.83
N CYS A 86 10.51 -23.01 1.29
CA CYS A 86 10.09 -21.82 2.01
C CYS A 86 8.58 -21.74 2.10
N VAL A 87 7.88 -22.12 1.03
CA VAL A 87 6.41 -22.06 1.02
C VAL A 87 5.83 -22.98 2.08
N LEU A 88 6.31 -24.23 2.13
CA LEU A 88 5.81 -25.18 3.11
C LEU A 88 6.14 -24.73 4.54
N GLU A 89 7.33 -24.15 4.73
CA GLU A 89 7.71 -23.70 6.06
C GLU A 89 6.80 -22.59 6.56
N TYR A 90 6.58 -21.56 5.74
CA TYR A 90 5.74 -20.45 6.17
C TYR A 90 4.25 -20.77 6.11
N GLN A 91 3.84 -21.78 5.33
CA GLN A 91 2.44 -22.20 5.36
C GLN A 91 2.09 -22.86 6.69
N GLY A 92 3.05 -23.53 7.32
CA GLY A 92 2.83 -24.11 8.63
C GLY A 92 3.13 -23.21 9.79
N LYS A 93 3.61 -21.99 9.53
CA LYS A 93 3.98 -21.05 10.57
C LYS A 93 3.07 -19.84 10.66
N TYR A 94 2.41 -19.45 9.56
CA TYR A 94 1.62 -18.23 9.53
C TYR A 94 0.18 -18.52 9.13
N ILE A 95 -0.74 -17.73 9.69
CA ILE A 95 -2.14 -17.75 9.31
C ILE A 95 -2.54 -16.36 8.83
N LEU A 96 -3.69 -16.31 8.15
CA LEU A 96 -4.19 -15.08 7.53
C LEU A 96 -5.39 -14.55 8.31
N LYS A 97 -5.46 -13.23 8.45
CA LYS A 97 -6.58 -12.60 9.14
C LYS A 97 -6.82 -11.21 8.57
N VAL A 98 -7.96 -10.62 8.93
CA VAL A 98 -8.23 -9.23 8.61
C VAL A 98 -7.39 -8.34 9.51
N CYS A 99 -6.76 -7.34 8.92
CA CYS A 99 -5.88 -6.46 9.70
C CYS A 99 -6.70 -5.63 10.67
N GLY A 100 -6.38 -5.71 11.96
CA GLY A 100 -7.02 -4.90 12.97
C GLY A 100 -8.39 -5.35 13.41
N CYS A 101 -8.84 -6.53 12.98
CA CYS A 101 -10.16 -7.03 13.34
C CYS A 101 -10.04 -8.49 13.76
N ASP A 102 -11.02 -8.95 14.51
CA ASP A 102 -11.05 -10.34 14.97
C ASP A 102 -11.76 -11.25 13.96
N GLU A 103 -11.31 -11.19 12.71
CA GLU A 103 -11.83 -12.03 11.64
C GLU A 103 -10.68 -12.80 11.03
N TYR A 104 -10.81 -14.12 10.95
CA TYR A 104 -9.71 -14.99 10.56
C TYR A 104 -10.08 -15.81 9.34
N PHE A 105 -9.05 -16.29 8.65
CA PHE A 105 -9.21 -17.14 7.47
C PHE A 105 -8.37 -18.40 7.68
N LEU A 106 -8.76 -19.18 8.68
CA LEU A 106 -7.96 -20.34 9.10
C LEU A 106 -8.27 -21.60 8.31
N GLU A 107 -9.39 -21.64 7.62
CA GLU A 107 -9.88 -22.87 7.02
C GLU A 107 -9.80 -22.81 5.50
N LYS A 108 -9.67 -23.98 4.88
CA LYS A 108 -9.55 -24.09 3.44
C LYS A 108 -10.90 -23.78 2.80
N TYR A 109 -11.05 -22.54 2.35
CA TYR A 109 -12.18 -22.06 1.58
C TYR A 109 -11.62 -21.17 0.49
N PRO A 110 -12.30 -21.08 -0.66
CA PRO A 110 -11.95 -20.03 -1.62
C PRO A 110 -12.02 -18.69 -0.93
N LEU A 111 -10.97 -17.87 -1.12
CA LEU A 111 -10.89 -16.59 -0.42
C LEU A 111 -12.16 -15.76 -0.62
N SER A 112 -12.69 -15.78 -1.86
CA SER A 112 -13.90 -15.03 -2.16
C SER A 112 -15.15 -15.57 -1.45
N GLN A 113 -15.11 -16.80 -0.94
CA GLN A 113 -16.28 -17.30 -0.21
C GLN A 113 -16.41 -16.70 1.18
N TYR A 114 -15.32 -16.19 1.75
CA TYR A 114 -15.42 -15.49 3.02
C TYR A 114 -16.23 -14.21 2.84
N LYS A 115 -17.08 -13.90 3.83
CA LYS A 115 -17.99 -12.77 3.69
C LYS A 115 -17.26 -11.44 3.67
N TYR A 116 -16.16 -11.31 4.42
CA TYR A 116 -15.38 -10.06 4.36
C TYR A 116 -14.82 -9.83 2.98
N ILE A 117 -14.31 -10.88 2.33
CA ILE A 117 -13.72 -10.72 1.01
C ILE A 117 -14.79 -10.37 -0.02
N ARG A 118 -15.91 -11.10 0.00
CA ARG A 118 -16.96 -10.88 -0.99
C ARG A 118 -17.52 -9.47 -0.89
N SER A 119 -17.69 -8.95 0.33
CA SER A 119 -18.15 -7.57 0.48
C SER A 119 -17.10 -6.58 -0.01
N CYS A 120 -15.81 -6.90 0.18
CA CYS A 120 -14.76 -6.05 -0.38
C CYS A 120 -14.85 -5.99 -1.90
N ILE A 121 -15.13 -7.14 -2.53
CA ILE A 121 -15.25 -7.16 -3.99
C ILE A 121 -16.40 -6.30 -4.44
N MET A 122 -17.54 -6.43 -3.76
CA MET A 122 -18.73 -5.66 -4.12
C MET A 122 -18.50 -4.17 -3.91
N LEU A 123 -17.61 -3.79 -2.99
CA LEU A 123 -17.31 -2.40 -2.72
C LEU A 123 -16.19 -1.84 -3.59
N GLY A 124 -15.54 -2.67 -4.41
CA GLY A 124 -14.37 -2.23 -5.13
C GLY A 124 -13.22 -1.83 -4.24
N ARG A 125 -13.12 -2.44 -3.06
CA ARG A 125 -12.08 -2.13 -2.09
C ARG A 125 -11.13 -3.31 -1.94
N MET A 126 -9.89 -3.01 -1.60
CA MET A 126 -8.89 -4.06 -1.46
C MET A 126 -9.04 -4.70 -0.07
N PRO A 127 -9.12 -6.03 0.00
CA PRO A 127 -9.06 -6.68 1.32
C PRO A 127 -7.77 -6.31 2.03
N ASN A 128 -7.91 -5.88 3.29
CA ASN A 128 -6.77 -5.44 4.10
C ASN A 128 -6.43 -6.58 5.07
N LEU A 129 -5.46 -7.39 4.70
CA LEU A 129 -5.17 -8.64 5.40
C LEU A 129 -3.84 -8.56 6.12
N MET A 130 -3.70 -9.42 7.12
CA MET A 130 -2.53 -9.49 7.99
C MET A 130 -2.08 -10.94 8.10
N LEU A 131 -0.78 -11.17 8.00
CA LEU A 131 -0.17 -12.47 8.25
C LEU A 131 0.32 -12.52 9.69
N MET A 132 -0.27 -13.41 10.49
CA MET A 132 0.03 -13.54 11.91
C MET A 132 0.68 -14.89 12.18
N ALA A 133 1.70 -14.90 13.04
CA ALA A 133 2.34 -16.15 13.40
C ALA A 133 1.36 -17.07 14.09
N LYS A 134 1.36 -18.34 13.66
CA LYS A 134 0.40 -19.31 14.19
C LYS A 134 0.52 -19.44 15.71
N GLU A 135 1.75 -19.39 16.24
CA GLU A 135 1.94 -19.50 17.68
C GLU A 135 1.35 -18.29 18.42
N SER A 136 1.40 -17.11 17.82
CA SER A 136 0.79 -15.95 18.44
C SER A 136 -0.73 -16.09 18.52
N LEU A 137 -1.34 -16.78 17.55
CA LEU A 137 -2.78 -17.02 17.62
C LEU A 137 -3.11 -18.06 18.69
N TYR A 138 -2.33 -19.13 18.75
CA TYR A 138 -2.61 -20.20 19.73
C TYR A 138 -2.35 -19.74 21.16
N SER A 139 -1.55 -18.71 21.36
CA SER A 139 -1.27 -18.22 22.71
C SER A 139 -2.41 -17.39 23.27
N GLN A 140 -3.19 -16.75 22.41
CA GLN A 140 -4.32 -15.93 22.84
C GLN A 140 -5.62 -16.72 22.96
N LEU A 141 -5.55 -18.06 22.93
CA LEU A 141 -6.75 -18.87 23.12
C LEU A 141 -7.09 -19.01 24.60
N PRO A 142 -8.38 -19.08 24.93
CA PRO A 142 -8.85 -19.31 26.31
C PRO A 142 -8.35 -20.63 26.87
N ASN B 1 -11.40 -4.61 -10.30
CA ASN B 1 -10.82 -3.83 -9.22
C ASN B 1 -10.82 -2.34 -9.58
N SER B 2 -10.76 -1.50 -8.54
CA SER B 2 -10.79 -0.07 -8.75
C SER B 2 -9.47 0.42 -9.37
N PRO B 3 -9.51 1.52 -10.14
CA PRO B 3 -8.26 2.06 -10.70
C PRO B 3 -7.25 2.41 -9.62
N HIS B 4 -7.73 2.83 -8.45
CA HIS B 4 -6.86 3.09 -7.32
C HIS B 4 -6.11 1.83 -6.90
N SER B 5 -6.81 0.68 -6.90
CA SER B 5 -6.16 -0.57 -6.54
C SER B 5 -5.12 -0.98 -7.58
N ARG B 6 -5.45 -0.84 -8.87
CA ARG B 6 -4.51 -1.26 -9.91
C ARG B 6 -3.26 -0.40 -9.91
N ALA B 7 -3.39 0.90 -9.60
CA ALA B 7 -2.22 1.74 -9.50
C ALA B 7 -1.34 1.31 -8.34
N MET B 8 -1.97 0.89 -7.23
CA MET B 8 -1.22 0.40 -6.08
C MET B 8 -0.45 -0.87 -6.44
N TYR B 9 -1.10 -1.79 -7.16
CA TYR B 9 -0.45 -3.03 -7.54
C TYR B 9 0.69 -2.79 -8.53
N VAL B 10 0.49 -1.91 -9.49
CA VAL B 10 1.50 -1.68 -10.52
C VAL B 10 2.64 -0.82 -9.98
N TYR B 11 2.33 0.18 -9.15
CA TYR B 11 3.32 1.10 -8.59
C TYR B 11 3.26 1.01 -7.06
N PRO B 12 3.81 -0.06 -6.48
CA PRO B 12 3.79 -0.18 -5.02
C PRO B 12 4.78 0.77 -4.37
N PRO B 13 4.41 1.34 -3.22
CA PRO B 13 5.31 2.30 -2.56
C PRO B 13 6.57 1.63 -2.02
N ASN B 14 7.68 2.35 -2.11
CA ASN B 14 8.97 1.88 -1.62
CA ASN B 14 8.97 1.88 -1.61
C ASN B 14 9.28 2.60 -0.31
N VAL B 15 8.67 2.12 0.77
CA VAL B 15 8.79 2.74 2.08
C VAL B 15 9.73 1.92 2.95
N GLU B 16 10.27 2.57 3.97
CA GLU B 16 11.09 1.90 4.96
C GLU B 16 10.21 1.27 6.03
N SER B 17 10.81 0.34 6.80
CA SER B 17 10.03 -0.39 7.80
C SER B 17 9.60 0.52 8.95
N SER B 18 10.41 1.52 9.29
CA SER B 18 10.09 2.39 10.40
C SER B 18 9.91 3.82 9.93
N PRO B 19 8.93 4.55 10.46
CA PRO B 19 8.83 5.98 10.16
C PRO B 19 9.85 6.81 10.90
N GLU B 20 10.49 6.26 11.92
CA GLU B 20 11.51 6.98 12.67
C GLU B 20 12.75 7.13 11.81
N LEU B 21 13.17 8.37 11.60
CA LEU B 21 14.34 8.66 10.76
C LEU B 21 15.62 8.41 11.55
N PRO B 22 16.59 7.71 10.98
CA PRO B 22 17.88 7.54 11.68
C PRO B 22 18.51 8.87 12.02
N LYS B 23 19.23 8.90 13.13
CA LYS B 23 19.74 10.16 13.66
C LYS B 23 20.78 10.77 12.72
N HIS B 24 21.62 9.95 12.10
CA HIS B 24 22.63 10.48 11.20
C HIS B 24 22.03 11.05 9.93
N ILE B 25 20.81 10.66 9.58
CA ILE B 25 20.11 11.23 8.44
C ILE B 25 19.35 12.49 8.83
N TYR B 26 18.65 12.45 9.96
CA TYR B 26 17.92 13.61 10.44
C TYR B 26 18.84 14.81 10.64
N ASN B 27 20.07 14.57 11.10
CA ASN B 27 21.01 15.65 11.34
C ASN B 27 21.48 16.31 10.06
N LYS B 28 21.30 15.67 8.91
CA LYS B 28 21.66 16.29 7.64
C LYS B 28 20.59 17.26 7.14
N LEU B 29 19.45 17.35 7.82
CA LEU B 29 18.40 18.27 7.45
C LEU B 29 18.54 19.58 8.23
N ASP B 30 17.77 20.58 7.80
CA ASP B 30 17.73 21.87 8.48
C ASP B 30 16.61 21.82 9.51
N LYS B 31 16.96 21.43 10.73
CA LYS B 31 16.00 21.27 11.82
C LYS B 31 14.87 20.32 11.42
N GLY B 32 15.24 19.20 10.81
CA GLY B 32 14.26 18.22 10.40
C GLY B 32 13.44 18.58 9.19
N GLN B 33 13.78 19.66 8.50
CA GLN B 33 13.03 20.10 7.32
C GLN B 33 13.87 19.86 6.07
N ILE B 34 13.21 19.47 4.99
CA ILE B 34 13.86 19.13 3.73
C ILE B 34 13.37 20.07 2.64
N ILE B 35 14.29 20.47 1.76
CA ILE B 35 13.98 21.34 0.64
C ILE B 35 13.74 20.47 -0.59
N VAL B 36 12.55 20.60 -1.18
CA VAL B 36 12.17 19.83 -2.36
C VAL B 36 11.72 20.78 -3.45
N VAL B 37 11.75 20.28 -4.69
CA VAL B 37 11.24 21.00 -5.86
C VAL B 37 10.04 20.25 -6.41
N ILE B 38 8.94 20.98 -6.64
CA ILE B 38 7.67 20.41 -7.09
C ILE B 38 7.39 20.95 -8.50
N TRP B 39 7.40 20.06 -9.48
CA TRP B 39 7.08 20.41 -10.86
C TRP B 39 5.61 20.14 -11.17
N VAL B 40 5.11 20.79 -12.21
CA VAL B 40 3.76 20.58 -12.70
C VAL B 40 3.68 21.09 -14.13
N ILE B 41 2.77 20.52 -14.92
CA ILE B 41 2.49 21.00 -16.27
C ILE B 41 1.29 21.93 -16.18
N VAL B 42 1.47 23.19 -16.57
CA VAL B 42 0.47 24.21 -16.37
C VAL B 42 -0.22 24.65 -17.66
N SER B 43 0.44 24.55 -18.81
CA SER B 43 -0.09 25.03 -20.07
C SER B 43 -0.28 23.88 -21.04
N PRO B 44 -1.18 24.01 -22.02
CA PRO B 44 -1.34 22.95 -23.03
C PRO B 44 -0.09 22.72 -23.86
N ASN B 45 0.85 23.67 -23.89
CA ASN B 45 2.12 23.49 -24.56
C ASN B 45 3.12 22.65 -23.76
N ASN B 46 2.63 21.92 -22.75
CA ASN B 46 3.48 21.08 -21.88
C ASN B 46 4.54 21.90 -21.17
N ASP B 47 4.27 23.19 -20.97
CA ASP B 47 5.18 24.03 -20.18
C ASP B 47 5.15 23.60 -18.72
N LYS B 48 6.33 23.49 -18.12
CA LYS B 48 6.47 23.05 -16.75
C LYS B 48 6.77 24.24 -15.86
N GLN B 49 6.11 24.29 -14.70
CA GLN B 49 6.40 25.27 -13.67
C GLN B 49 6.82 24.54 -12.40
N LYS B 50 7.49 25.27 -11.51
CA LYS B 50 8.08 24.64 -10.34
C LYS B 50 7.95 25.55 -9.12
N TYR B 51 7.94 24.92 -7.95
CA TYR B 51 8.03 25.57 -6.65
C TYR B 51 9.10 24.87 -5.83
N THR B 52 9.84 25.65 -5.05
CA THR B 52 10.84 25.13 -4.13
C THR B 52 10.31 25.28 -2.72
N LEU B 53 10.01 24.14 -2.07
CA LEU B 53 9.38 24.13 -0.76
C LEU B 53 10.37 23.67 0.31
N LYS B 54 10.15 24.14 1.53
CA LYS B 54 10.86 23.68 2.72
C LYS B 54 9.81 23.11 3.67
N ILE B 55 9.76 21.78 3.80
CA ILE B 55 8.70 21.11 4.53
C ILE B 55 9.31 20.13 5.55
N ASN B 56 8.49 19.78 6.53
CA ASN B 56 8.88 18.76 7.51
C ASN B 56 9.17 17.45 6.82
N HIS B 57 10.16 16.72 7.35
CA HIS B 57 10.60 15.49 6.69
C HIS B 57 9.52 14.41 6.72
N ASP B 58 8.61 14.46 7.69
CA ASP B 58 7.57 13.45 7.86
C ASP B 58 6.23 13.85 7.25
N CYS B 59 6.22 14.83 6.35
CA CYS B 59 5.00 15.16 5.62
C CYS B 59 4.57 13.99 4.76
N VAL B 60 3.26 13.72 4.73
CA VAL B 60 2.71 12.71 3.85
C VAL B 60 2.54 13.34 2.47
N PRO B 61 2.46 12.56 1.40
CA PRO B 61 2.32 13.15 0.05
C PRO B 61 1.16 14.12 -0.07
N GLU B 62 0.04 13.87 0.61
CA GLU B 62 -1.08 14.79 0.53
C GLU B 62 -0.79 16.13 1.21
N GLN B 63 0.09 16.13 2.21
CA GLN B 63 0.47 17.39 2.83
C GLN B 63 1.44 18.18 1.95
N VAL B 64 2.23 17.50 1.13
CA VAL B 64 3.07 18.19 0.15
C VAL B 64 2.20 18.91 -0.87
N ILE B 65 1.13 18.26 -1.32
CA ILE B 65 0.21 18.88 -2.27
C ILE B 65 -0.43 20.11 -1.66
N ALA B 66 -0.82 20.03 -0.38
CA ALA B 66 -1.43 21.17 0.29
C ALA B 66 -0.41 22.29 0.49
N GLU B 67 0.83 21.93 0.85
CA GLU B 67 1.85 22.95 1.08
C GLU B 67 2.19 23.70 -0.20
N ALA B 68 2.15 23.01 -1.35
CA ALA B 68 2.42 23.68 -2.62
C ALA B 68 1.32 24.67 -2.97
N ILE B 69 0.08 24.38 -2.58
CA ILE B 69 -1.02 25.32 -2.82
C ILE B 69 -0.84 26.58 -1.98
N ARG B 70 -0.41 26.42 -0.72
CA ARG B 70 -0.18 27.58 0.13
C ARG B 70 0.95 28.45 -0.42
N LYS B 71 1.95 27.84 -1.06
CA LYS B 71 3.00 28.63 -1.70
C LYS B 71 2.43 29.48 -2.84
N LYS B 72 1.54 28.91 -3.65
CA LYS B 72 0.97 29.65 -4.77
C LYS B 72 -0.04 30.70 -4.32
N THR B 73 -0.88 30.35 -3.34
CA THR B 73 -1.94 31.25 -2.93
C THR B 73 -1.46 32.39 -2.04
N ARG B 74 -0.13 32.53 -1.88
CA ARG B 74 0.39 33.67 -1.14
C ARG B 74 -0.11 34.97 -1.75
N SER B 75 -0.19 35.01 -3.07
CA SER B 75 -0.81 36.13 -3.79
C SER B 75 -2.30 35.84 -3.83
N MET B 76 -3.08 36.61 -3.07
CA MET B 76 -4.45 36.25 -2.77
C MET B 76 -5.39 36.60 -3.93
N LEU B 77 -6.04 35.58 -4.50
CA LEU B 77 -7.05 35.77 -5.52
C LEU B 77 -8.21 34.79 -5.31
N LEU B 78 -8.46 34.42 -4.05
CA LEU B 78 -9.51 33.48 -3.70
C LEU B 78 -9.85 33.65 -2.23
N SER B 79 -11.10 33.41 -1.88
CA SER B 79 -11.52 33.49 -0.49
C SER B 79 -11.02 32.27 0.29
N SER B 80 -11.27 32.27 1.60
CA SER B 80 -10.83 31.16 2.43
C SER B 80 -11.61 29.89 2.12
N GLU B 81 -12.91 30.02 1.87
CA GLU B 81 -13.72 28.84 1.53
C GLU B 81 -13.30 28.28 0.17
N GLN B 82 -13.02 29.16 -0.80
CA GLN B 82 -12.53 28.71 -2.09
C GLN B 82 -11.19 28.01 -1.95
N LEU B 83 -10.31 28.54 -1.09
CA LEU B 83 -9.00 27.92 -0.89
C LEU B 83 -9.12 26.52 -0.29
N LYS B 84 -9.96 26.37 0.74
CA LYS B 84 -10.13 25.06 1.36
C LYS B 84 -10.68 24.05 0.36
N LEU B 85 -11.61 24.49 -0.49
CA LEU B 85 -12.16 23.61 -1.51
C LEU B 85 -11.10 23.20 -2.51
N CYS B 86 -10.21 24.14 -2.89
CA CYS B 86 -9.16 23.83 -3.85
C CYS B 86 -8.17 22.82 -3.29
N VAL B 87 -7.85 22.93 -1.99
CA VAL B 87 -6.92 21.98 -1.38
C VAL B 87 -7.48 20.57 -1.43
N LEU B 88 -8.74 20.41 -1.00
CA LEU B 88 -9.38 19.11 -1.04
C LEU B 88 -9.56 18.61 -2.47
N GLU B 89 -9.89 19.52 -3.40
CA GLU B 89 -10.11 19.12 -4.79
C GLU B 89 -8.84 18.57 -5.41
N TYR B 90 -7.72 19.29 -5.29
CA TYR B 90 -6.48 18.86 -5.89
C TYR B 90 -5.81 17.72 -5.12
N GLN B 91 -6.14 17.53 -3.84
CA GLN B 91 -5.62 16.38 -3.13
C GLN B 91 -6.20 15.08 -3.66
N GLY B 92 -7.43 15.12 -4.15
CA GLY B 92 -8.05 13.98 -4.79
C GLY B 92 -7.84 13.89 -6.29
N LYS B 93 -7.18 14.88 -6.88
CA LYS B 93 -6.98 14.94 -8.32
C LYS B 93 -5.54 14.69 -8.75
N TYR B 94 -4.57 14.97 -7.88
CA TYR B 94 -3.16 14.85 -8.24
C TYR B 94 -2.46 13.86 -7.31
N ILE B 95 -1.48 13.16 -7.87
CA ILE B 95 -0.59 12.31 -7.10
C ILE B 95 0.84 12.82 -7.31
N LEU B 96 1.73 12.38 -6.45
CA LEU B 96 3.11 12.84 -6.44
C LEU B 96 4.02 11.73 -6.93
N LYS B 97 5.03 12.10 -7.72
CA LYS B 97 5.97 11.13 -8.24
C LYS B 97 7.33 11.78 -8.41
N VAL B 98 8.35 10.94 -8.62
CA VAL B 98 9.69 11.45 -8.94
C VAL B 98 9.70 11.94 -10.38
N CYS B 99 10.29 13.13 -10.58
CA CYS B 99 10.31 13.73 -11.90
C CYS B 99 11.19 12.91 -12.84
N GLY B 100 10.61 12.50 -13.97
CA GLY B 100 11.35 11.78 -14.99
C GLY B 100 11.64 10.32 -14.68
N CYS B 101 11.05 9.77 -13.64
CA CYS B 101 11.29 8.38 -13.25
C CYS B 101 9.96 7.71 -12.92
N ASP B 102 9.97 6.38 -12.97
CA ASP B 102 8.80 5.58 -12.63
C ASP B 102 8.77 5.23 -11.15
N GLU B 103 8.85 6.25 -10.30
CA GLU B 103 8.75 6.09 -8.85
C GLU B 103 7.65 7.01 -8.34
N TYR B 104 6.70 6.44 -7.60
CA TYR B 104 5.49 7.15 -7.21
C TYR B 104 5.35 7.19 -5.69
N PHE B 105 4.52 8.13 -5.22
CA PHE B 105 4.23 8.32 -3.80
C PHE B 105 2.71 8.32 -3.62
N LEU B 106 2.09 7.16 -3.84
CA LEU B 106 0.64 7.07 -3.87
C LEU B 106 0.01 6.86 -2.50
N GLU B 107 0.77 6.43 -1.49
CA GLU B 107 0.20 6.06 -0.21
C GLU B 107 0.61 7.03 0.88
N LYS B 108 -0.25 7.15 1.90
CA LYS B 108 -0.04 8.04 3.03
C LYS B 108 1.07 7.50 3.90
N TYR B 109 2.28 8.00 3.70
CA TYR B 109 3.45 7.70 4.50
C TYR B 109 4.24 8.98 4.70
N PRO B 110 4.98 9.11 5.80
CA PRO B 110 5.93 10.22 5.90
C PRO B 110 6.88 10.21 4.72
N LEU B 111 7.05 11.37 4.09
CA LEU B 111 7.85 11.47 2.87
C LEU B 111 9.25 10.90 3.08
N SER B 112 9.85 11.17 4.24
CA SER B 112 11.19 10.66 4.52
C SER B 112 11.20 9.15 4.65
N GLN B 113 10.06 8.50 4.83
CA GLN B 113 10.03 7.04 4.90
C GLN B 113 10.19 6.40 3.52
N TYR B 114 9.86 7.13 2.46
CA TYR B 114 10.12 6.62 1.10
C TYR B 114 11.62 6.55 0.86
N LYS B 115 12.04 5.46 0.20
CA LYS B 115 13.47 5.20 0.04
C LYS B 115 14.15 6.22 -0.88
N TYR B 116 13.43 6.73 -1.88
CA TYR B 116 14.02 7.74 -2.77
C TYR B 116 14.42 8.99 -2.00
N ILE B 117 13.60 9.38 -1.03
CA ILE B 117 13.88 10.58 -0.25
C ILE B 117 15.14 10.38 0.60
N ARG B 118 15.24 9.23 1.27
CA ARG B 118 16.39 8.98 2.13
C ARG B 118 17.69 8.98 1.34
N SER B 119 17.68 8.41 0.13
CA SER B 119 18.87 8.45 -0.70
C SER B 119 19.19 9.88 -1.13
N CYS B 120 18.15 10.68 -1.38
CA CYS B 120 18.37 12.09 -1.68
C CYS B 120 19.02 12.81 -0.50
N ILE B 121 18.54 12.54 0.72
CA ILE B 121 19.09 13.21 1.90
C ILE B 121 20.53 12.79 2.13
N MET B 122 20.80 11.48 2.09
CA MET B 122 22.16 11.00 2.33
C MET B 122 23.13 11.45 1.24
N LEU B 123 22.63 11.67 0.03
CA LEU B 123 23.46 12.13 -1.07
C LEU B 123 23.60 13.64 -1.12
N GLY B 124 22.91 14.37 -0.24
CA GLY B 124 22.88 15.82 -0.32
C GLY B 124 22.25 16.34 -1.58
N ARG B 125 21.28 15.63 -2.13
CA ARG B 125 20.64 15.99 -3.39
C ARG B 125 19.20 16.40 -3.12
N MET B 126 18.70 17.33 -3.93
CA MET B 126 17.35 17.85 -3.75
C MET B 126 16.34 16.94 -4.43
N PRO B 127 15.32 16.47 -3.71
CA PRO B 127 14.25 15.69 -4.36
C PRO B 127 13.57 16.49 -5.46
N ASN B 128 13.51 15.89 -6.65
CA ASN B 128 12.91 16.51 -7.83
C ASN B 128 11.58 15.81 -8.11
N LEU B 129 10.49 16.41 -7.66
CA LEU B 129 9.18 15.76 -7.66
C LEU B 129 8.26 16.39 -8.70
N MET B 130 7.25 15.61 -9.12
CA MET B 130 6.29 16.01 -10.13
C MET B 130 4.88 15.69 -9.64
N LEU B 131 3.96 16.63 -9.85
CA LEU B 131 2.54 16.42 -9.56
C LEU B 131 1.83 15.99 -10.84
N MET B 132 1.28 14.77 -10.83
CA MET B 132 0.61 14.21 -11.99
C MET B 132 -0.86 13.99 -11.67
N ALA B 133 -1.73 14.33 -12.64
CA ALA B 133 -3.16 14.11 -12.48
C ALA B 133 -3.46 12.62 -12.35
N LYS B 134 -4.34 12.28 -11.40
CA LYS B 134 -4.67 10.87 -11.17
C LYS B 134 -5.18 10.20 -12.44
N GLU B 135 -5.96 10.92 -13.24
CA GLU B 135 -6.49 10.33 -14.47
C GLU B 135 -5.39 10.04 -15.47
N SER B 136 -4.35 10.88 -15.51
CA SER B 136 -3.22 10.60 -16.38
C SER B 136 -2.47 9.34 -15.93
N LEU B 137 -2.46 9.08 -14.61
CA LEU B 137 -1.84 7.86 -14.12
C LEU B 137 -2.70 6.64 -14.45
N TYR B 138 -4.02 6.75 -14.28
CA TYR B 138 -4.90 5.62 -14.54
C TYR B 138 -4.97 5.26 -16.01
N SER B 139 -4.66 6.21 -16.90
CA SER B 139 -4.73 5.93 -18.33
C SER B 139 -3.52 5.14 -18.83
N GLN B 140 -2.38 5.25 -18.14
CA GLN B 140 -1.18 4.53 -18.55
C GLN B 140 -1.09 3.14 -17.91
N LEU B 141 -2.18 2.65 -17.33
CA LEU B 141 -2.20 1.30 -16.79
C LEU B 141 -2.45 0.29 -17.90
N PRO B 142 -1.86 -0.91 -17.79
CA PRO B 142 -2.07 -1.99 -18.77
C PRO B 142 -3.53 -2.38 -18.93
C1 A1AIR C . 5.79 -10.42 3.77
C2 A1AIR C . 6.36 -9.16 3.56
C3 A1AIR C . 7.77 -9.06 3.51
C4 A1AIR C . 8.03 -11.37 3.90
C5 A1AIR C . 6.64 -11.55 3.92
C6 A1AIR C . 4.12 -8.65 3.51
C7 A1AIR C . 5.35 -8.15 3.42
C8 A1AIR C . 5.95 -12.84 4.18
C9 A1AIR C . 9.01 -12.46 4.02
C10 A1AIR C . 8.49 -7.78 3.31
C11 A1AIR C . 5.31 -13.56 3.18
C12 A1AIR C . 4.65 -14.75 3.45
C13 A1AIR C . 4.63 -15.19 4.76
C14 A1AIR C . 5.23 -14.50 5.79
C15 A1AIR C . 5.88 -13.32 5.49
C16 A1AIR C . 12.16 -17.41 4.37
C17 A1AIR C . 8.82 -5.72 2.04
C18 A1AIR C . 9.82 -5.38 2.95
C19 A1AIR C . 10.16 -6.20 4.04
C20 A1AIR C . 9.49 -7.40 4.21
C21 A1AIR C . 8.96 -13.69 3.36
C22 A1AIR C . 10.05 -14.39 3.74
C23 A1AIR C . 11.20 -5.50 4.70
C24 A1AIR C . 10.55 -15.76 3.37
C25 A1AIR C . 12.68 -15.02 4.46
C26 A1AIR C . 11.98 -13.95 5.25
C27 A1AIR C . 6.91 -13.19 7.68
C28 A1AIR C . 7.59 -12.17 8.54
N1 A1AIR C . 8.56 -10.14 3.69
N2 A1AIR C . 10.73 -13.60 4.59
N3 A1AIR C . 10.11 -12.39 4.78
N4 A1AIR C . 10.64 -4.27 3.03
N5 A1AIR C . 11.49 -4.36 4.11
N6 A1AIR C . 11.79 -16.13 4.07
O1 A1AIR C . 6.51 -12.55 6.46
O2 A1AIR C . 9.00 -12.26 8.38
O3 A1AIR C . 13.22 -17.63 4.95
F1 A1AIR C . 3.98 -16.35 5.06
F2 A1AIR C . 5.36 -13.12 1.91
C29 A1AIR C . 9.64 -11.08 7.91
C30 A1AIR C . 11.27 -18.59 3.98
C31 A1AIR C . 8.16 -6.93 2.24
C32 A1AIR C . 10.68 -3.13 2.13
C33 A1AIR C . 12.05 -19.85 3.67
C34 A1AIR C . 10.74 -15.80 1.86
S1 A1AIR C . 4.13 -10.30 3.77
C1 A1AIR D . 1.97 24.11 -8.94
C2 A1AIR D . 2.70 25.12 -9.58
C3 A1AIR D . 2.01 26.28 -10.02
C4 A1AIR D . -0.06 25.44 -9.28
C5 A1AIR D . 0.56 24.27 -8.77
C6 A1AIR D . 4.36 23.60 -9.11
C7 A1AIR D . 4.10 24.80 -9.66
C8 A1AIR D . -0.17 23.15 -8.11
C9 A1AIR D . -1.49 25.72 -9.14
C10 A1AIR D . 2.67 27.40 -10.73
C11 A1AIR D . -0.13 22.96 -6.74
C12 A1AIR D . -0.80 21.92 -6.13
C13 A1AIR D . -1.51 21.05 -6.93
C14 A1AIR D . -1.56 21.18 -8.31
C15 A1AIR D . -0.89 22.24 -8.89
C16 A1AIR D . -7.26 25.98 -8.46
C17 A1AIR D . 4.46 29.06 -10.89
C18 A1AIR D . 3.88 29.50 -12.09
C19 A1AIR D . 2.71 28.92 -12.61
C20 A1AIR D . 2.11 27.86 -11.92
C21 A1AIR D . -2.33 25.47 -8.04
C22 A1AIR D . -3.56 25.93 -8.37
C23 A1AIR D . 2.46 29.64 -13.80
C24 A1AIR D . -4.88 25.94 -7.65
C25 A1AIR D . -5.63 27.52 -9.44
C26 A1AIR D . -4.52 27.08 -10.37
C27 A1AIR D . -2.08 22.12 -11.00
C28 A1AIR D . -1.83 22.47 -12.43
N1 A1AIR D . 0.68 26.41 -9.85
N2 A1AIR D . -3.45 26.46 -9.60
N3 A1AIR D . -2.18 26.35 -10.09
N4 A1AIR D . 4.24 30.49 -12.96
N5 A1AIR D . 3.36 30.58 -14.02
N6 A1AIR D . -5.97 26.46 -8.49
O1 A1AIR D . -0.90 22.44 -10.26
O2 A1AIR D . -2.33 23.76 -12.72
O3 A1AIR D . -8.13 26.45 -9.18
F1 A1AIR D . -2.17 20.01 -6.36
F2 A1AIR D . 0.56 23.81 -5.94
C29 A1AIR D . -3.74 23.91 -12.61
C30 A1AIR D . -7.62 24.86 -7.49
C31 A1AIR D . 3.84 28.01 -10.22
C32 A1AIR D . 5.38 31.40 -12.88
C33 A1AIR D . -9.05 24.93 -6.99
C34 A1AIR D . -4.77 26.73 -6.34
S1 A1AIR D . 2.98 22.87 -8.51
#